data_5EVJ
#
_entry.id   5EVJ
#
_cell.length_a   157.885
_cell.length_b   157.885
_cell.length_c   95.452
_cell.angle_alpha   90.00
_cell.angle_beta   90.00
_cell.angle_gamma   120.00
#
_symmetry.space_group_name_H-M   'H 3'
#
loop_
_entity.id
_entity.type
_entity.pdbx_description
1 polymer 'Arsenite methyltransferase'
2 non-polymer 'SODIUM ION'
3 water water
#
_entity_poly.entity_id   1
_entity_poly.type   'polypeptide(L)'
_entity_poly.pdbx_seq_one_letter_code
;MVEPASIAELSRAEQLGKDQDAVRATVKEYYGETLKTSNDLRTSACTAAKAPPPAVRAALADVPTEVKEKFWGCGNPIPA
GIEGLRVLDLGAGSGRDAYVAAKLVGEKGSVTGVDMTPAQLEVAISHADAYARDKLGYGKSNMTFIQGEIEYLDRAGLED
SSFDLVISNCVINLSPDKARVLSEAYRVLAPGGEMHFSDVYVDRRLPQSVRSHPVLLGECLAGALYNNDFIRLARKVGFT
DPRQLEAEEIQIHDAELRDQVGEARFYSITYRLFKVPGQIEDLAEDYGQVAVYKGTIPGHSHAYDLDDHHRFVTNKPMLV
AGNTASMVGESYLAPHFTIIGDRAVHYGQFDASGPKTTTGGAASPSNSAGAAGPGGAAALEHHHHHH
;
_entity_poly.pdbx_strand_id   A,B
#
# COMPACT_ATOMS: atom_id res chain seq x y z
N ALA A 51 21.78 -19.61 -9.89
CA ALA A 51 21.98 -18.13 -10.13
C ALA A 51 20.67 -17.38 -9.83
N PRO A 52 20.43 -17.06 -8.52
CA PRO A 52 19.43 -16.09 -8.03
C PRO A 52 19.90 -14.64 -8.23
N PRO A 53 18.96 -13.67 -8.30
CA PRO A 53 19.34 -12.24 -8.30
C PRO A 53 20.21 -11.89 -7.05
N PRO A 54 21.15 -10.93 -7.18
CA PRO A 54 22.10 -10.51 -6.10
C PRO A 54 21.46 -10.29 -4.72
N ALA A 55 20.36 -9.50 -4.67
CA ALA A 55 19.60 -9.31 -3.42
C ALA A 55 19.22 -10.64 -2.71
N VAL A 56 18.78 -11.64 -3.47
CA VAL A 56 18.46 -12.93 -2.89
C VAL A 56 19.69 -13.67 -2.39
N ARG A 57 20.78 -13.73 -3.19
CA ARG A 57 22.05 -14.30 -2.70
C ARG A 57 22.55 -13.59 -1.44
N ALA A 58 22.59 -12.25 -1.45
CA ALA A 58 23.01 -11.45 -0.27
C ALA A 58 22.20 -11.86 0.97
N ALA A 59 20.89 -11.97 0.80
CA ALA A 59 19.96 -12.27 1.92
C ALA A 59 20.17 -13.70 2.41
N LEU A 60 20.36 -14.63 1.47
CA LEU A 60 20.73 -16.04 1.78
C LEU A 60 22.02 -16.18 2.61
N ALA A 61 23.05 -15.40 2.27
CA ALA A 61 24.32 -15.54 3.00
C ALA A 61 24.09 -15.55 4.52
N ASP A 62 23.09 -14.75 4.96
CA ASP A 62 22.86 -14.43 6.35
C ASP A 62 21.74 -15.21 7.03
N VAL A 63 21.16 -16.20 6.37
CA VAL A 63 20.08 -17.03 6.88
C VAL A 63 20.75 -18.19 7.62
N PRO A 64 20.26 -18.54 8.82
CA PRO A 64 20.89 -19.59 9.62
C PRO A 64 21.04 -20.86 8.81
N THR A 65 22.28 -21.32 8.69
CA THR A 65 22.62 -22.58 8.04
C THR A 65 21.54 -23.67 8.20
N GLU A 66 21.06 -23.84 9.42
CA GLU A 66 20.13 -24.92 9.72
C GLU A 66 18.79 -24.64 9.05
N VAL A 67 18.43 -23.36 8.96
CA VAL A 67 17.19 -22.99 8.33
C VAL A 67 17.20 -23.37 6.83
N LYS A 68 18.35 -23.14 6.19
CA LYS A 68 18.65 -23.56 4.79
C LYS A 68 18.85 -25.07 4.60
N GLU A 69 19.83 -25.65 5.29
CA GLU A 69 20.09 -27.08 5.11
C GLU A 69 18.83 -27.95 5.17
N LYS A 70 17.82 -27.49 5.90
CA LYS A 70 16.59 -28.28 6.07
C LYS A 70 15.45 -27.89 5.11
N PHE A 71 15.76 -27.31 3.95
CA PHE A 71 14.67 -26.72 3.17
C PHE A 71 14.12 -27.53 1.98
N TRP A 72 14.96 -27.79 0.98
CA TRP A 72 14.55 -28.46 -0.28
C TRP A 72 13.46 -27.72 -1.11
N GLY A 73 13.89 -27.10 -2.20
CA GLY A 73 12.97 -26.50 -3.14
C GLY A 73 13.54 -26.24 -4.52
N CYS A 74 12.62 -26.06 -5.46
CA CYS A 74 12.96 -25.87 -6.88
C CYS A 74 13.04 -24.42 -7.29
N GLY A 75 13.64 -23.59 -6.44
CA GLY A 75 13.72 -22.20 -6.81
C GLY A 75 13.88 -21.21 -5.70
N ASN A 76 13.70 -19.94 -6.08
CA ASN A 76 13.86 -18.82 -5.19
C ASN A 76 12.81 -17.81 -5.57
N PRO A 77 11.53 -18.17 -5.36
CA PRO A 77 10.35 -17.43 -5.74
C PRO A 77 10.00 -16.20 -4.88
N ILE A 78 10.96 -15.36 -4.47
CA ILE A 78 10.58 -14.06 -3.85
C ILE A 78 10.71 -13.00 -4.93
N PRO A 79 9.63 -12.24 -5.23
CA PRO A 79 9.69 -11.28 -6.30
C PRO A 79 10.40 -10.05 -5.83
N ALA A 80 11.01 -9.32 -6.76
CA ALA A 80 11.56 -7.98 -6.47
C ALA A 80 10.39 -7.04 -6.23
N GLY A 81 10.62 -5.87 -5.68
CA GLY A 81 9.53 -4.87 -5.56
C GLY A 81 8.55 -4.93 -4.39
N ILE A 82 8.91 -5.64 -3.33
CA ILE A 82 7.95 -5.95 -2.25
C ILE A 82 8.24 -5.22 -0.92
N GLU A 83 9.00 -4.14 -0.94
CA GLU A 83 9.23 -3.42 0.29
C GLU A 83 7.90 -3.05 0.98
N GLY A 84 7.79 -3.32 2.29
CA GLY A 84 6.64 -2.84 3.03
C GLY A 84 5.37 -3.62 2.86
N LEU A 85 5.41 -4.71 2.09
CA LEU A 85 4.20 -5.51 1.85
C LEU A 85 3.97 -6.69 2.82
N ARG A 86 2.82 -7.32 2.71
CA ARG A 86 2.55 -8.55 3.52
C ARG A 86 2.57 -9.78 2.61
N VAL A 87 3.36 -10.78 3.00
CA VAL A 87 3.62 -11.91 2.23
C VAL A 87 3.19 -13.15 2.96
N LEU A 88 2.53 -14.04 2.25
CA LEU A 88 2.18 -15.37 2.75
C LEU A 88 3.02 -16.41 2.03
N ASP A 89 3.74 -17.23 2.79
CA ASP A 89 4.62 -18.23 2.26
C ASP A 89 3.96 -19.56 2.53
N LEU A 90 3.47 -20.20 1.48
CA LEU A 90 2.78 -21.49 1.58
C LEU A 90 3.77 -22.64 1.63
N GLY A 91 3.81 -23.40 2.71
CA GLY A 91 4.67 -24.59 2.84
C GLY A 91 6.02 -24.10 3.24
N ALA A 92 6.08 -23.28 4.27
CA ALA A 92 7.33 -22.60 4.57
C ALA A 92 8.43 -23.53 5.01
N GLY A 93 8.09 -24.76 5.40
CA GLY A 93 9.11 -25.72 5.87
C GLY A 93 9.94 -25.07 7.01
N SER A 94 11.25 -25.20 6.92
CA SER A 94 12.12 -24.71 7.91
C SER A 94 12.40 -23.19 7.82
N GLY A 95 12.00 -22.56 6.71
CA GLY A 95 11.79 -21.09 6.67
C GLY A 95 12.70 -20.33 5.71
N ARG A 96 13.54 -21.03 4.95
CA ARG A 96 14.49 -20.39 4.01
C ARG A 96 13.77 -19.22 3.29
N ASP A 97 12.67 -19.51 2.58
CA ASP A 97 12.05 -18.50 1.69
C ASP A 97 11.39 -17.39 2.54
N ALA A 98 10.85 -17.75 3.68
CA ALA A 98 10.23 -16.74 4.56
C ALA A 98 11.30 -15.83 5.14
N TYR A 99 12.51 -16.39 5.39
CA TYR A 99 13.59 -15.57 5.96
C TYR A 99 14.07 -14.61 4.93
N VAL A 100 14.18 -15.07 3.69
CA VAL A 100 14.57 -14.19 2.63
C VAL A 100 13.54 -13.11 2.43
N ALA A 101 12.27 -13.49 2.44
CA ALA A 101 11.23 -12.46 2.23
C ALA A 101 11.22 -11.40 3.38
N ALA A 102 11.37 -11.91 4.61
CA ALA A 102 11.34 -11.11 5.82
C ALA A 102 12.36 -10.01 5.65
N LYS A 103 13.49 -10.33 5.04
CA LYS A 103 14.47 -9.28 4.74
C LYS A 103 14.01 -8.34 3.63
N LEU A 104 13.55 -8.94 2.54
CA LEU A 104 13.33 -8.08 1.36
C LEU A 104 12.14 -7.22 1.49
N VAL A 105 11.20 -7.58 2.37
CA VAL A 105 10.10 -6.63 2.62
C VAL A 105 10.44 -5.50 3.58
N GLY A 106 11.66 -5.54 4.14
CA GLY A 106 11.95 -4.50 5.15
C GLY A 106 11.22 -4.63 6.50
N GLU A 107 11.60 -3.76 7.40
CA GLU A 107 11.10 -3.81 8.78
C GLU A 107 9.62 -3.54 8.87
N LYS A 108 9.09 -2.81 7.92
CA LYS A 108 7.69 -2.47 7.97
C LYS A 108 6.80 -3.49 7.25
N GLY A 109 7.40 -4.39 6.48
CA GLY A 109 6.61 -5.41 5.80
C GLY A 109 6.50 -6.59 6.76
N SER A 110 5.74 -7.62 6.37
CA SER A 110 5.71 -8.85 7.20
C SER A 110 5.44 -10.10 6.40
N VAL A 111 5.77 -11.23 7.04
CA VAL A 111 5.69 -12.51 6.45
C VAL A 111 4.98 -13.47 7.36
N THR A 112 4.07 -14.24 6.77
CA THR A 112 3.43 -15.33 7.42
C THR A 112 3.81 -16.65 6.70
N GLY A 113 4.23 -17.65 7.45
CA GLY A 113 4.56 -18.97 6.89
C GLY A 113 3.59 -20.02 7.45
N VAL A 114 3.07 -20.86 6.56
CA VAL A 114 2.16 -21.92 6.93
C VAL A 114 2.83 -23.20 6.60
N ASP A 115 3.04 -24.07 7.59
CA ASP A 115 3.45 -25.44 7.24
C ASP A 115 2.66 -26.55 7.91
N MET A 116 2.80 -27.75 7.36
CA MET A 116 2.00 -28.88 7.77
C MET A 116 2.66 -29.61 8.95
N THR A 117 4.00 -29.54 8.98
CA THR A 117 4.88 -30.29 9.91
C THR A 117 5.50 -29.51 11.11
N PRO A 118 5.09 -29.84 12.37
CA PRO A 118 5.60 -29.21 13.64
C PRO A 118 7.16 -29.17 13.79
N ALA A 119 7.81 -30.25 13.38
CA ALA A 119 9.27 -30.31 13.32
C ALA A 119 9.86 -29.18 12.47
N GLN A 120 9.33 -29.02 11.25
CA GLN A 120 9.77 -27.96 10.35
C GLN A 120 9.41 -26.53 10.93
N LEU A 121 8.19 -26.37 11.43
CA LEU A 121 7.78 -25.13 12.11
C LEU A 121 8.81 -24.63 13.13
N GLU A 122 9.10 -25.49 14.10
CA GLU A 122 9.89 -25.17 15.27
C GLU A 122 11.30 -24.74 14.88
N VAL A 123 11.84 -25.28 13.77
CA VAL A 123 13.09 -24.72 13.24
C VAL A 123 12.92 -23.25 12.76
N ALA A 124 11.84 -22.97 12.03
CA ALA A 124 11.61 -21.62 11.52
C ALA A 124 11.44 -20.66 12.68
N ILE A 125 10.66 -21.07 13.69
CA ILE A 125 10.40 -20.26 14.90
C ILE A 125 11.61 -20.03 15.81
N SER A 126 12.46 -21.04 16.02
CA SER A 126 13.55 -20.91 17.00
C SER A 126 14.63 -19.97 16.52
N HIS A 127 14.75 -19.82 15.21
CA HIS A 127 15.80 -18.95 14.74
C HIS A 127 15.34 -17.55 14.45
N ALA A 128 14.05 -17.30 14.56
CA ALA A 128 13.51 -16.02 14.09
C ALA A 128 14.14 -14.78 14.72
N ASP A 129 14.08 -14.69 16.05
CA ASP A 129 14.37 -13.42 16.72
C ASP A 129 15.78 -13.01 16.44
N ALA A 130 16.66 -14.00 16.64
CA ALA A 130 18.10 -13.78 16.53
C ALA A 130 18.46 -13.33 15.09
N TYR A 131 17.80 -13.92 14.09
CA TYR A 131 18.02 -13.55 12.70
C TYR A 131 17.60 -12.11 12.46
N ALA A 132 16.40 -11.82 12.91
CA ALA A 132 15.83 -10.48 12.68
C ALA A 132 16.62 -9.44 13.43
N ARG A 133 17.07 -9.77 14.64
CA ARG A 133 17.82 -8.77 15.42
C ARG A 133 19.29 -8.57 14.94
N ASP A 134 20.08 -9.63 14.85
CA ASP A 134 21.49 -9.47 14.49
C ASP A 134 21.70 -9.36 13.01
N LYS A 135 21.01 -10.18 12.20
CA LYS A 135 21.26 -10.12 10.77
C LYS A 135 20.51 -9.00 10.08
N LEU A 136 19.27 -8.79 10.42
CA LEU A 136 18.55 -7.73 9.69
C LEU A 136 18.61 -6.40 10.42
N GLY A 137 19.02 -6.42 11.69
CA GLY A 137 19.00 -5.22 12.52
C GLY A 137 17.58 -4.71 12.77
N TYR A 138 16.56 -5.57 12.79
CA TYR A 138 15.21 -5.08 13.12
C TYR A 138 15.03 -5.09 14.63
N GLY A 139 14.15 -4.23 15.12
CA GLY A 139 13.71 -4.29 16.52
C GLY A 139 13.25 -5.67 16.93
N LYS A 140 12.33 -6.25 16.14
CA LYS A 140 11.86 -7.66 16.32
C LYS A 140 11.59 -8.39 14.99
N SER A 141 11.42 -9.70 15.05
CA SER A 141 10.99 -10.49 13.88
C SER A 141 9.69 -9.93 13.27
N ASN A 142 9.68 -9.78 11.94
CA ASN A 142 8.41 -9.47 11.27
C ASN A 142 7.80 -10.80 10.66
N MET A 143 8.16 -11.96 11.21
CA MET A 143 7.65 -13.28 10.78
C MET A 143 6.70 -13.94 11.81
N THR A 144 5.74 -14.69 11.30
CA THR A 144 4.77 -15.42 12.04
C THR A 144 4.73 -16.74 11.29
N PHE A 145 5.01 -17.81 12.01
CA PHE A 145 4.85 -19.13 11.44
C PHE A 145 3.67 -19.80 12.08
N ILE A 146 2.74 -20.33 11.29
CA ILE A 146 1.63 -21.06 11.88
C ILE A 146 1.51 -22.43 11.27
N GLN A 147 0.86 -23.33 12.00
CA GLN A 147 0.68 -24.69 11.61
C GLN A 147 -0.62 -24.86 10.85
N GLY A 148 -0.57 -25.50 9.69
CA GLY A 148 -1.79 -25.54 8.89
C GLY A 148 -1.72 -26.36 7.64
N GLU A 149 -2.85 -26.48 6.97
CA GLU A 149 -2.86 -27.04 5.66
C GLU A 149 -3.02 -25.98 4.61
N ILE A 150 -2.10 -26.00 3.64
CA ILE A 150 -2.17 -25.01 2.57
C ILE A 150 -3.49 -24.99 1.85
N GLU A 151 -4.28 -26.08 1.93
CA GLU A 151 -5.66 -26.14 1.32
C GLU A 151 -6.70 -25.37 2.10
N TYR A 152 -6.38 -24.99 3.34
CA TYR A 152 -7.42 -24.50 4.30
C TYR A 152 -7.01 -23.22 5.01
N LEU A 153 -6.61 -22.23 4.25
CA LEU A 153 -6.16 -21.01 4.85
C LEU A 153 -7.21 -20.45 5.76
N ASP A 154 -8.49 -20.66 5.45
CA ASP A 154 -9.63 -20.22 6.33
C ASP A 154 -9.49 -20.93 7.70
N ARG A 155 -9.18 -22.22 7.68
CA ARG A 155 -9.01 -22.93 8.97
C ARG A 155 -7.85 -22.41 9.74
N ALA A 156 -6.79 -22.01 9.04
CA ALA A 156 -5.66 -21.35 9.68
C ALA A 156 -6.00 -19.91 10.13
N GLY A 157 -7.24 -19.46 9.95
CA GLY A 157 -7.59 -18.10 10.41
C GLY A 157 -7.17 -16.96 9.46
N LEU A 158 -6.81 -17.27 8.21
CA LEU A 158 -6.38 -16.21 7.27
C LEU A 158 -7.53 -15.58 6.53
N GLU A 159 -7.67 -14.27 6.74
CA GLU A 159 -8.76 -13.50 6.24
C GLU A 159 -8.59 -13.11 4.75
N ASP A 160 -9.73 -12.82 4.13
CA ASP A 160 -9.85 -12.29 2.79
C ASP A 160 -8.99 -11.07 2.69
N SER A 161 -8.34 -10.89 1.52
CA SER A 161 -7.58 -9.69 1.21
C SER A 161 -6.58 -9.31 2.26
N SER A 162 -5.92 -10.26 2.86
CA SER A 162 -5.01 -9.87 3.97
C SER A 162 -3.54 -9.96 3.57
N PHE A 163 -3.27 -10.29 2.29
CA PHE A 163 -1.88 -10.45 1.85
C PHE A 163 -1.67 -9.80 0.49
N ASP A 164 -0.50 -9.23 0.30
CA ASP A 164 -0.19 -8.66 -0.99
C ASP A 164 0.41 -9.68 -1.95
N LEU A 165 1.18 -10.66 -1.42
CA LEU A 165 1.85 -11.66 -2.21
C LEU A 165 1.56 -12.94 -1.54
N VAL A 166 1.38 -13.99 -2.37
CA VAL A 166 1.37 -15.35 -1.88
C VAL A 166 2.47 -16.02 -2.62
N ILE A 167 3.36 -16.71 -1.91
CA ILE A 167 4.51 -17.38 -2.52
C ILE A 167 4.60 -18.84 -2.05
N SER A 168 5.29 -19.66 -2.87
CA SER A 168 5.34 -21.08 -2.67
C SER A 168 6.49 -21.66 -3.42
N ASN A 169 7.02 -22.77 -2.94
CA ASN A 169 8.18 -23.34 -3.60
C ASN A 169 8.07 -24.85 -3.67
N CYS A 170 7.53 -25.36 -4.79
CA CYS A 170 7.51 -26.80 -5.08
C CYS A 170 6.82 -27.61 -4.06
N VAL A 171 5.65 -27.17 -3.60
CA VAL A 171 4.84 -27.95 -2.68
C VAL A 171 3.41 -28.09 -3.20
N ILE A 172 3.06 -27.39 -4.26
CA ILE A 172 1.67 -27.47 -4.68
C ILE A 172 1.33 -28.76 -5.43
N ASN A 173 2.32 -29.39 -6.06
CA ASN A 173 2.07 -30.68 -6.72
C ASN A 173 1.71 -31.75 -5.74
N LEU A 174 1.96 -31.51 -4.46
CA LEU A 174 1.70 -32.53 -3.45
C LEU A 174 0.37 -32.32 -2.84
N SER A 175 -0.23 -31.17 -3.06
CA SER A 175 -1.57 -30.95 -2.57
C SER A 175 -2.52 -32.08 -3.04
N PRO A 176 -3.39 -32.55 -2.12
CA PRO A 176 -4.53 -33.39 -2.48
C PRO A 176 -5.70 -32.59 -3.06
N ASP A 177 -5.58 -31.25 -3.06
CA ASP A 177 -6.67 -30.40 -3.57
C ASP A 177 -6.07 -29.10 -4.13
N LYS A 178 -5.21 -29.21 -5.14
CA LYS A 178 -4.73 -28.05 -5.89
C LYS A 178 -5.72 -26.89 -6.05
N ALA A 179 -6.95 -27.20 -6.44
CA ALA A 179 -7.94 -26.19 -6.70
C ALA A 179 -8.21 -25.35 -5.45
N ARG A 180 -8.28 -26.02 -4.31
CA ARG A 180 -8.50 -25.29 -3.06
C ARG A 180 -7.36 -24.40 -2.64
N VAL A 181 -6.13 -24.87 -2.79
CA VAL A 181 -4.98 -24.04 -2.48
C VAL A 181 -5.03 -22.79 -3.37
N LEU A 182 -5.26 -22.99 -4.67
CA LEU A 182 -5.33 -21.89 -5.62
C LEU A 182 -6.44 -20.95 -5.22
N SER A 183 -7.63 -21.48 -4.96
CA SER A 183 -8.75 -20.56 -4.66
C SER A 183 -8.58 -19.85 -3.30
N GLU A 184 -7.85 -20.50 -2.39
CA GLU A 184 -7.53 -19.86 -1.11
C GLU A 184 -6.52 -18.73 -1.25
N ALA A 185 -5.42 -18.99 -1.99
CA ALA A 185 -4.48 -17.93 -2.43
C ALA A 185 -5.26 -16.77 -2.98
N TYR A 186 -6.17 -17.08 -3.89
CA TYR A 186 -6.98 -16.05 -4.51
C TYR A 186 -7.79 -15.25 -3.44
N ARG A 187 -8.32 -15.96 -2.44
CA ARG A 187 -9.21 -15.33 -1.46
C ARG A 187 -8.40 -14.43 -0.53
N VAL A 188 -7.23 -14.90 -0.08
CA VAL A 188 -6.46 -14.09 0.87
C VAL A 188 -5.65 -12.92 0.23
N LEU A 189 -5.60 -12.87 -1.10
CA LEU A 189 -4.94 -11.75 -1.81
C LEU A 189 -5.81 -10.52 -1.81
N ALA A 190 -5.17 -9.41 -1.55
CA ALA A 190 -5.83 -8.15 -1.72
C ALA A 190 -5.81 -7.77 -3.21
N PRO A 191 -6.72 -6.92 -3.62
CA PRO A 191 -6.62 -6.43 -5.00
C PRO A 191 -5.24 -5.91 -5.35
N GLY A 192 -4.82 -6.19 -6.59
CA GLY A 192 -3.51 -5.75 -7.10
C GLY A 192 -2.38 -6.59 -6.57
N GLY A 193 -2.72 -7.64 -5.83
CA GLY A 193 -1.72 -8.61 -5.35
C GLY A 193 -1.39 -9.70 -6.34
N GLU A 194 -0.48 -10.57 -5.95
CA GLU A 194 0.00 -11.57 -6.82
C GLU A 194 0.31 -12.89 -6.05
N MET A 195 -0.02 -14.02 -6.67
CA MET A 195 0.58 -15.29 -6.30
C MET A 195 1.75 -15.51 -7.21
N HIS A 196 2.93 -15.66 -6.64
CA HIS A 196 4.19 -15.74 -7.33
C HIS A 196 4.88 -17.00 -6.75
N PHE A 197 5.05 -18.02 -7.57
CA PHE A 197 5.48 -19.32 -7.03
C PHE A 197 6.15 -20.20 -8.08
N SER A 198 7.00 -21.12 -7.64
CA SER A 198 7.68 -22.01 -8.54
C SER A 198 7.24 -23.42 -8.25
N ASP A 199 7.17 -24.22 -9.30
CA ASP A 199 6.78 -25.60 -9.12
C ASP A 199 7.20 -26.36 -10.36
N VAL A 200 6.97 -27.65 -10.34
CA VAL A 200 7.39 -28.46 -11.47
C VAL A 200 6.20 -28.81 -12.37
N TYR A 201 6.36 -28.65 -13.66
CA TYR A 201 5.28 -28.97 -14.63
C TYR A 201 5.81 -29.89 -15.73
N VAL A 202 4.89 -30.40 -16.56
CA VAL A 202 5.23 -31.22 -17.73
C VAL A 202 4.71 -30.60 -19.04
N ASP A 203 5.33 -30.96 -20.17
CA ASP A 203 4.89 -30.42 -21.42
C ASP A 203 3.73 -31.24 -21.99
N ARG A 204 3.34 -32.32 -21.31
CA ARG A 204 2.20 -33.16 -21.72
C ARG A 204 1.60 -33.86 -20.49
N ARG A 205 0.42 -34.42 -20.59
CA ARG A 205 -0.19 -35.20 -19.50
C ARG A 205 0.52 -36.51 -19.24
N LEU A 206 0.87 -36.78 -17.99
CA LEU A 206 1.47 -38.07 -17.69
C LEU A 206 0.42 -39.15 -17.80
N PRO A 207 0.79 -40.33 -18.35
CA PRO A 207 -0.05 -41.55 -18.31
C PRO A 207 -0.53 -41.86 -16.88
N GLN A 208 -1.81 -42.31 -16.71
CA GLN A 208 -2.37 -42.79 -15.39
C GLN A 208 -1.46 -43.77 -14.68
N SER A 209 -0.93 -44.71 -15.47
CA SER A 209 0.16 -45.60 -15.07
C SER A 209 1.24 -44.92 -14.20
N VAL A 210 1.88 -43.87 -14.73
CA VAL A 210 2.84 -43.07 -13.97
C VAL A 210 2.23 -42.32 -12.76
N ARG A 211 0.93 -42.05 -12.78
CA ARG A 211 0.29 -41.18 -11.77
C ARG A 211 0.38 -41.76 -10.37
N SER A 212 -0.54 -42.67 -10.05
CA SER A 212 -0.72 -43.18 -8.68
C SER A 212 0.32 -44.20 -8.20
N HIS A 213 1.19 -44.64 -9.11
CA HIS A 213 2.28 -45.57 -8.77
C HIS A 213 3.63 -45.22 -9.42
N PRO A 214 4.33 -44.20 -8.90
CA PRO A 214 5.67 -43.86 -9.37
C PRO A 214 6.84 -44.34 -8.49
N VAL A 215 6.51 -44.77 -7.27
CA VAL A 215 7.29 -44.61 -6.00
C VAL A 215 7.03 -43.18 -5.47
N LEU A 216 8.04 -42.48 -4.93
CA LEU A 216 7.96 -41.03 -4.71
C LEU A 216 8.27 -40.33 -6.04
N LEU A 217 9.21 -40.97 -6.75
CA LEU A 217 9.75 -40.62 -8.08
C LEU A 217 9.96 -39.14 -8.40
N GLY A 218 11.21 -38.83 -8.78
CA GLY A 218 11.64 -37.47 -9.09
C GLY A 218 11.82 -36.58 -7.87
N GLU A 219 10.69 -36.30 -7.20
CA GLU A 219 10.60 -35.56 -5.94
C GLU A 219 9.14 -35.21 -5.64
N CYS A 220 8.26 -35.52 -6.60
CA CYS A 220 6.91 -34.94 -6.75
C CYS A 220 6.71 -34.64 -8.25
N LEU A 221 7.49 -35.35 -9.05
CA LEU A 221 7.38 -35.31 -10.50
C LEU A 221 6.12 -36.07 -10.93
N ALA A 222 5.75 -37.10 -10.16
CA ALA A 222 4.42 -37.64 -10.23
C ALA A 222 3.48 -36.56 -9.70
N GLY A 223 2.33 -36.38 -10.33
CA GLY A 223 1.43 -35.28 -9.92
C GLY A 223 1.82 -33.86 -10.36
N ALA A 224 2.99 -33.71 -11.01
CA ALA A 224 3.29 -32.53 -11.82
C ALA A 224 2.30 -32.57 -12.98
N LEU A 225 1.57 -31.46 -13.19
CA LEU A 225 0.60 -31.31 -14.25
C LEU A 225 1.21 -30.85 -15.59
N TYR A 226 0.55 -31.28 -16.67
CA TYR A 226 0.66 -30.66 -17.95
C TYR A 226 0.52 -29.13 -17.73
N ASN A 227 1.52 -28.36 -18.12
CA ASN A 227 1.40 -26.95 -17.84
C ASN A 227 0.08 -26.31 -18.29
N ASN A 228 -0.50 -26.73 -19.42
CA ASN A 228 -1.68 -26.01 -19.91
C ASN A 228 -2.86 -26.44 -19.03
N ASP A 229 -2.81 -27.60 -18.41
CA ASP A 229 -3.91 -27.98 -17.52
C ASP A 229 -3.83 -27.14 -16.23
N PHE A 230 -2.63 -26.82 -15.79
CA PHE A 230 -2.50 -25.96 -14.65
C PHE A 230 -3.10 -24.60 -14.94
N ILE A 231 -2.76 -24.07 -16.10
CA ILE A 231 -3.26 -22.75 -16.51
C ILE A 231 -4.79 -22.71 -16.45
N ARG A 232 -5.41 -23.76 -16.97
CA ARG A 232 -6.86 -23.91 -16.96
C ARG A 232 -7.44 -23.84 -15.53
N LEU A 233 -6.83 -24.57 -14.61
CA LEU A 233 -7.29 -24.65 -13.23
C LEU A 233 -7.07 -23.26 -12.62
N ALA A 234 -5.90 -22.68 -12.82
CA ALA A 234 -5.74 -21.30 -12.32
C ALA A 234 -6.80 -20.38 -12.81
N ARG A 235 -7.24 -20.59 -14.04
CA ARG A 235 -8.15 -19.60 -14.58
C ARG A 235 -9.59 -19.82 -14.06
N LYS A 236 -9.95 -21.06 -13.75
CA LYS A 236 -11.28 -21.36 -13.14
C LYS A 236 -11.49 -20.67 -11.76
N VAL A 237 -10.39 -20.48 -11.09
CA VAL A 237 -10.37 -19.93 -9.80
C VAL A 237 -10.32 -18.39 -9.86
N GLY A 238 -9.98 -17.78 -11.01
CA GLY A 238 -10.10 -16.32 -11.15
C GLY A 238 -8.76 -15.72 -11.59
N PHE A 239 -7.68 -16.52 -11.64
CA PHE A 239 -6.40 -16.10 -12.22
C PHE A 239 -6.46 -16.27 -13.75
N THR A 240 -6.99 -15.26 -14.43
CA THR A 240 -7.36 -15.41 -15.81
C THR A 240 -6.20 -15.46 -16.78
N ASP A 241 -5.02 -15.00 -16.38
CA ASP A 241 -3.88 -14.93 -17.35
C ASP A 241 -2.56 -15.15 -16.68
N PRO A 242 -2.32 -16.39 -16.22
CA PRO A 242 -1.05 -16.74 -15.67
C PRO A 242 0.10 -16.37 -16.58
N ARG A 243 1.22 -15.92 -16.02
CA ARG A 243 2.36 -15.49 -16.80
C ARG A 243 3.54 -16.23 -16.28
N GLN A 244 4.32 -16.73 -17.20
CA GLN A 244 5.50 -17.52 -16.93
C GLN A 244 6.69 -16.53 -16.77
N LEU A 245 7.33 -16.53 -15.62
CA LEU A 245 8.46 -15.61 -15.47
C LEU A 245 9.73 -16.27 -15.98
N GLU A 246 9.91 -17.55 -15.70
CA GLU A 246 11.03 -18.30 -16.21
C GLU A 246 10.86 -19.82 -16.04
N ALA A 247 11.48 -20.55 -16.94
CA ALA A 247 11.32 -21.98 -16.99
C ALA A 247 12.69 -22.56 -17.25
N GLU A 248 12.97 -23.64 -16.54
CA GLU A 248 14.15 -24.42 -16.81
C GLU A 248 13.75 -25.90 -16.97
N GLU A 249 14.14 -26.48 -18.11
CA GLU A 249 13.94 -27.89 -18.32
C GLU A 249 14.77 -28.62 -17.30
N ILE A 250 14.14 -29.58 -16.63
CA ILE A 250 14.71 -30.38 -15.60
C ILE A 250 15.18 -31.66 -16.29
N GLN A 251 16.49 -31.84 -16.44
CA GLN A 251 17.05 -32.99 -17.15
C GLN A 251 16.95 -34.21 -16.25
N ILE A 252 16.35 -35.29 -16.75
CA ILE A 252 15.90 -36.39 -15.87
C ILE A 252 17.04 -37.39 -15.49
N HIS A 253 17.82 -37.79 -16.50
CA HIS A 253 19.11 -38.49 -16.33
C HIS A 253 19.10 -39.85 -15.57
N ASP A 254 17.96 -40.22 -14.97
CA ASP A 254 17.80 -41.54 -14.34
C ASP A 254 17.87 -42.68 -15.37
N ALA A 255 17.47 -42.40 -16.62
CA ALA A 255 17.58 -43.33 -17.74
C ALA A 255 16.62 -44.52 -17.65
N GLU A 256 16.36 -44.97 -16.43
CA GLU A 256 15.37 -45.99 -16.18
C GLU A 256 13.99 -45.35 -16.03
N LEU A 257 13.96 -44.12 -15.55
CA LEU A 257 12.74 -43.31 -15.43
C LEU A 257 12.35 -42.76 -16.80
N ARG A 258 13.36 -42.35 -17.57
CA ARG A 258 13.16 -42.03 -18.97
C ARG A 258 12.14 -42.95 -19.63
N ASP A 259 12.28 -44.25 -19.42
CA ASP A 259 11.46 -45.26 -20.12
C ASP A 259 10.01 -45.19 -19.69
N GLN A 260 9.82 -44.87 -18.42
CA GLN A 260 8.48 -44.81 -17.81
C GLN A 260 7.64 -43.64 -18.34
N VAL A 261 8.31 -42.56 -18.71
CA VAL A 261 7.63 -41.32 -19.05
C VAL A 261 7.46 -41.05 -20.54
N GLY A 262 8.11 -41.86 -21.38
CA GLY A 262 7.99 -41.69 -22.85
C GLY A 262 8.82 -40.48 -23.22
N GLU A 263 8.24 -39.56 -23.98
CA GLU A 263 9.05 -38.40 -24.28
C GLU A 263 8.61 -37.16 -23.41
N ALA A 264 7.98 -37.39 -22.26
CA ALA A 264 7.59 -36.25 -21.40
C ALA A 264 8.78 -35.37 -21.01
N ARG A 265 8.61 -34.07 -21.16
CA ARG A 265 9.59 -33.10 -20.74
C ARG A 265 9.08 -32.32 -19.52
N PHE A 266 9.94 -32.23 -18.50
CA PHE A 266 9.63 -31.59 -17.24
C PHE A 266 10.31 -30.24 -17.09
N TYR A 267 9.58 -29.30 -16.49
CA TYR A 267 10.04 -27.95 -16.22
C TYR A 267 9.82 -27.49 -14.78
N SER A 268 10.73 -26.65 -14.38
CA SER A 268 10.66 -25.88 -13.18
C SER A 268 10.15 -24.57 -13.75
N ILE A 269 8.95 -24.17 -13.36
CA ILE A 269 8.39 -22.87 -13.86
C ILE A 269 7.97 -22.00 -12.68
N THR A 270 8.30 -20.71 -12.79
CA THR A 270 7.87 -19.70 -11.83
C THR A 270 6.78 -18.97 -12.55
N TYR A 271 5.62 -18.99 -11.94
CA TYR A 271 4.42 -18.39 -12.48
C TYR A 271 4.05 -17.15 -11.71
N ARG A 272 3.37 -16.24 -12.42
CA ARG A 272 2.87 -15.03 -11.87
C ARG A 272 1.37 -14.96 -12.04
N LEU A 273 0.66 -14.90 -10.91
CA LEU A 273 -0.78 -14.97 -10.90
C LEU A 273 -1.31 -13.70 -10.22
N PHE A 274 -1.63 -12.70 -11.04
CA PHE A 274 -2.03 -11.44 -10.51
C PHE A 274 -3.47 -11.44 -10.31
N LYS A 275 -3.86 -10.66 -9.28
CA LYS A 275 -5.25 -10.47 -8.99
C LYS A 275 -5.66 -9.02 -9.20
N VAL A 276 -6.46 -8.74 -10.19
CA VAL A 276 -6.90 -7.36 -10.40
C VAL A 276 -8.36 -7.42 -10.78
N PRO A 277 -9.20 -7.53 -9.77
CA PRO A 277 -10.61 -7.90 -10.03
C PRO A 277 -11.27 -7.10 -11.11
N GLY A 278 -11.95 -7.79 -12.01
CA GLY A 278 -12.70 -7.14 -13.11
C GLY A 278 -11.81 -6.75 -14.30
N GLN A 279 -10.49 -6.97 -14.25
CA GLN A 279 -9.60 -6.42 -15.26
C GLN A 279 -8.88 -7.45 -16.12
N ILE A 280 -8.67 -8.69 -15.62
CA ILE A 280 -7.74 -9.58 -16.25
C ILE A 280 -8.55 -10.47 -17.22
N GLU A 281 -8.20 -10.46 -18.51
CA GLU A 281 -9.07 -11.08 -19.58
C GLU A 281 -8.35 -12.25 -20.11
N ASP A 282 -9.03 -13.12 -20.83
CA ASP A 282 -8.33 -14.30 -21.35
C ASP A 282 -7.79 -14.09 -22.73
N LEU A 283 -7.71 -12.85 -23.20
CA LEU A 283 -6.84 -12.61 -24.38
C LEU A 283 -6.13 -11.31 -24.10
N ALA A 284 -5.03 -11.08 -24.82
CA ALA A 284 -4.42 -9.78 -24.89
C ALA A 284 -5.38 -8.88 -25.67
N GLU A 285 -5.95 -7.85 -25.03
CA GLU A 285 -6.96 -6.98 -25.62
C GLU A 285 -6.36 -5.61 -25.71
N ASP A 286 -6.73 -4.88 -26.75
CA ASP A 286 -6.00 -3.66 -27.08
C ASP A 286 -6.76 -2.43 -26.62
N TYR A 287 -6.31 -1.74 -25.59
CA TYR A 287 -6.94 -0.48 -25.25
C TYR A 287 -6.02 0.74 -25.56
N GLY A 288 -5.00 0.52 -26.38
CA GLY A 288 -4.07 1.60 -26.74
C GLY A 288 -3.24 2.19 -25.59
N GLN A 289 -2.99 1.38 -24.55
CA GLN A 289 -2.22 1.88 -23.45
C GLN A 289 -0.71 1.78 -23.71
N VAL A 290 0.03 2.65 -23.01
CA VAL A 290 1.53 2.58 -23.01
C VAL A 290 2.04 2.51 -21.59
N ALA A 291 3.04 1.66 -21.35
CA ALA A 291 3.72 1.51 -20.05
C ALA A 291 5.18 2.01 -20.05
N VAL A 292 5.58 2.66 -18.96
CA VAL A 292 6.93 3.13 -18.88
C VAL A 292 7.33 2.71 -17.51
N TYR A 293 8.36 1.86 -17.50
CA TYR A 293 9.00 1.54 -16.29
C TYR A 293 9.95 2.61 -15.88
N LYS A 294 9.79 3.10 -14.65
CA LYS A 294 10.51 4.29 -14.17
C LYS A 294 11.88 3.97 -13.55
N GLY A 295 12.26 2.71 -13.46
CA GLY A 295 13.62 2.38 -13.04
C GLY A 295 13.88 2.25 -11.55
N THR A 296 12.80 2.29 -10.76
CA THR A 296 12.86 2.54 -9.36
C THR A 296 12.78 1.25 -8.54
N ILE A 297 12.79 0.10 -9.18
CA ILE A 297 12.67 -1.11 -8.35
C ILE A 297 14.06 -1.56 -8.01
N PRO A 298 14.38 -1.58 -6.71
CA PRO A 298 15.78 -1.79 -6.25
C PRO A 298 16.38 -3.04 -6.86
N GLY A 299 17.63 -2.94 -7.33
CA GLY A 299 18.27 -4.04 -8.07
C GLY A 299 17.84 -4.17 -9.52
N HIS A 300 16.97 -3.25 -9.97
CA HIS A 300 16.45 -3.20 -11.35
C HIS A 300 16.36 -1.80 -11.93
N SER A 301 17.45 -1.04 -11.81
CA SER A 301 17.42 0.36 -12.29
C SER A 301 17.45 0.53 -13.82
N HIS A 302 17.89 -0.49 -14.56
CA HIS A 302 18.02 -0.43 -16.05
C HIS A 302 16.84 -1.04 -16.78
N ALA A 303 16.23 -2.05 -16.16
CA ALA A 303 15.29 -2.87 -16.82
C ALA A 303 14.53 -3.72 -15.78
N TYR A 304 13.30 -4.03 -16.11
CA TYR A 304 12.51 -4.96 -15.30
C TYR A 304 11.76 -6.00 -16.14
N ASP A 305 11.99 -7.25 -15.86
CA ASP A 305 11.12 -8.32 -16.43
C ASP A 305 9.80 -8.56 -15.69
N LEU A 306 8.69 -8.16 -16.29
CA LEU A 306 7.40 -8.63 -15.81
C LEU A 306 7.36 -10.15 -15.98
N ASP A 307 7.61 -10.62 -17.19
CA ASP A 307 7.51 -12.07 -17.45
C ASP A 307 8.43 -12.30 -18.61
N ASP A 308 8.53 -13.55 -19.08
CA ASP A 308 9.51 -13.87 -20.10
C ASP A 308 9.19 -13.33 -21.50
N HIS A 309 8.03 -12.69 -21.68
CA HIS A 309 7.70 -11.96 -22.97
C HIS A 309 7.61 -10.46 -22.81
N HIS A 310 7.97 -9.94 -21.65
CA HIS A 310 7.78 -8.51 -21.39
C HIS A 310 8.90 -7.97 -20.55
N ARG A 311 9.89 -7.41 -21.21
CA ARG A 311 11.00 -6.75 -20.56
C ARG A 311 10.87 -5.25 -20.81
N PHE A 312 10.86 -4.46 -19.75
CA PHE A 312 10.70 -3.04 -19.79
C PHE A 312 12.01 -2.42 -19.49
N VAL A 313 12.41 -1.54 -20.41
CA VAL A 313 13.65 -0.85 -20.23
C VAL A 313 13.30 0.48 -19.59
N THR A 314 14.09 0.84 -18.60
CA THR A 314 13.88 2.16 -17.91
C THR A 314 13.62 3.35 -18.84
N ASN A 315 12.50 4.02 -18.66
CA ASN A 315 12.06 5.16 -19.37
C ASN A 315 11.78 4.98 -20.84
N LYS A 316 11.75 3.72 -21.31
CA LYS A 316 11.42 3.45 -22.69
C LYS A 316 9.92 3.04 -22.82
N PRO A 317 9.11 3.90 -23.35
CA PRO A 317 7.72 3.48 -23.43
C PRO A 317 7.45 2.24 -24.32
N MET A 318 6.48 1.41 -23.93
CA MET A 318 6.09 0.27 -24.74
C MET A 318 4.56 0.12 -24.80
N LEU A 319 4.09 -0.19 -26.00
CA LEU A 319 2.67 -0.56 -26.21
C LEU A 319 2.37 -1.86 -25.44
N VAL A 320 1.24 -1.83 -24.72
CA VAL A 320 0.84 -3.01 -23.99
C VAL A 320 -0.63 -3.30 -24.11
N ALA A 321 -0.94 -4.59 -23.86
CA ALA A 321 -2.36 -4.98 -23.72
C ALA A 321 -2.95 -4.57 -22.33
N GLY A 322 -4.27 -4.56 -22.19
CA GLY A 322 -5.00 -4.35 -20.88
C GLY A 322 -4.38 -5.12 -19.73
N ASN A 323 -4.04 -6.37 -20.00
CA ASN A 323 -3.62 -7.25 -18.91
C ASN A 323 -2.34 -6.78 -18.36
N THR A 324 -1.37 -6.65 -19.24
CA THR A 324 -0.06 -6.23 -18.89
C THR A 324 -0.15 -4.83 -18.25
N ALA A 325 -0.97 -3.92 -18.81
CA ALA A 325 -1.09 -2.58 -18.18
C ALA A 325 -1.60 -2.71 -16.72
N SER A 326 -2.49 -3.66 -16.48
CA SER A 326 -3.03 -3.90 -15.15
C SER A 326 -1.94 -4.47 -14.26
N MET A 327 -1.18 -5.43 -14.78
CA MET A 327 -0.18 -6.08 -13.97
C MET A 327 0.98 -5.20 -13.44
N VAL A 328 1.34 -4.16 -14.23
CA VAL A 328 2.45 -3.31 -13.88
C VAL A 328 1.86 -2.01 -13.41
N GLY A 329 0.64 -1.67 -13.80
CA GLY A 329 0.22 -0.35 -13.36
C GLY A 329 -0.98 -0.26 -12.44
N GLU A 330 -1.49 -1.40 -11.97
CA GLU A 330 -2.74 -1.40 -11.15
C GLU A 330 -2.52 -2.38 -10.03
N SER A 331 -1.33 -2.97 -9.98
CA SER A 331 -0.92 -3.85 -8.94
C SER A 331 0.00 -3.15 -7.94
N TYR A 332 0.67 -3.96 -7.13
CA TYR A 332 1.58 -3.45 -6.11
C TYR A 332 2.80 -2.89 -6.77
N LEU A 333 2.98 -3.17 -8.06
CA LEU A 333 4.18 -2.74 -8.76
C LEU A 333 3.94 -1.35 -9.28
N ALA A 334 2.72 -0.83 -9.20
CA ALA A 334 2.36 0.36 -9.91
C ALA A 334 3.14 1.66 -9.64
N PRO A 335 3.59 1.86 -8.38
CA PRO A 335 4.35 3.10 -8.12
C PRO A 335 5.60 3.22 -9.06
N HIS A 336 6.09 2.09 -9.59
CA HIS A 336 7.26 2.13 -10.46
C HIS A 336 6.97 2.25 -11.96
N PHE A 337 5.70 2.44 -12.34
CA PHE A 337 5.32 2.45 -13.75
C PHE A 337 4.42 3.60 -14.03
N THR A 338 4.47 4.16 -15.24
CA THR A 338 3.47 5.11 -15.70
C THR A 338 2.72 4.40 -16.79
N ILE A 339 1.41 4.56 -16.76
CA ILE A 339 0.51 4.09 -17.79
C ILE A 339 -0.03 5.28 -18.49
N ILE A 340 0.07 5.28 -19.80
CA ILE A 340 -0.56 6.35 -20.53
C ILE A 340 -1.72 5.75 -21.25
N GLY A 341 -2.87 6.38 -21.12
CA GLY A 341 -4.08 5.87 -21.72
C GLY A 341 -5.00 5.31 -20.66
N ASP A 342 -6.07 4.68 -21.09
CA ASP A 342 -6.94 3.97 -20.19
C ASP A 342 -7.80 3.00 -21.02
N ARG A 343 -8.92 2.54 -20.46
CA ARG A 343 -9.68 1.49 -21.09
C ARG A 343 -11.00 2.03 -21.62
N ALA A 344 -11.14 3.34 -21.82
CA ALA A 344 -12.42 3.88 -22.37
C ALA A 344 -12.73 3.48 -23.81
N VAL A 345 -11.72 3.04 -24.53
CA VAL A 345 -11.95 2.73 -25.92
C VAL A 345 -11.23 1.47 -26.17
N HIS A 346 -11.97 0.51 -26.73
CA HIS A 346 -11.39 -0.78 -27.10
C HIS A 346 -11.06 -0.80 -28.59
N TYR A 347 -9.88 -1.32 -28.91
CA TYR A 347 -9.40 -1.28 -30.29
C TYR A 347 -9.38 -2.61 -30.97
N GLY A 348 -9.56 -3.70 -30.19
CA GLY A 348 -9.49 -4.97 -30.87
C GLY A 348 -8.52 -5.84 -30.15
N GLN A 349 -8.22 -6.98 -30.73
CA GLN A 349 -7.30 -7.82 -30.09
C GLN A 349 -5.86 -7.30 -30.29
N PHE A 350 -5.01 -7.38 -29.25
CA PHE A 350 -3.73 -6.70 -29.29
C PHE A 350 -2.76 -7.57 -30.03
N ASP A 351 -2.01 -7.03 -31.01
CA ASP A 351 -1.03 -7.87 -31.76
C ASP A 351 -1.62 -9.01 -32.60
N ALA A 352 -2.66 -8.67 -33.34
CA ALA A 352 -3.38 -9.63 -34.14
C ALA A 352 -4.42 -8.79 -34.88
N SER A 353 -4.63 -9.17 -36.14
CA SER A 353 -5.68 -8.58 -36.98
C SER A 353 -7.09 -9.02 -36.51
N GLY A 354 -8.14 -8.35 -37.03
CA GLY A 354 -9.52 -8.83 -36.88
C GLY A 354 -9.72 -10.21 -37.53
N PRO A 355 -10.96 -10.73 -37.49
CA PRO A 355 -11.46 -12.01 -38.10
C PRO A 355 -10.74 -12.50 -39.42
N LYS A 356 -10.21 -13.74 -39.37
CA LYS A 356 -9.29 -14.33 -40.38
C LYS A 356 -8.05 -13.44 -40.69
N ALA B 51 -16.81 27.88 11.46
CA ALA B 51 -16.83 28.87 10.34
C ALA B 51 -15.42 29.11 9.80
N PRO B 52 -15.16 28.76 8.52
CA PRO B 52 -13.89 28.81 7.71
C PRO B 52 -12.98 30.04 7.81
N PRO B 53 -11.65 29.88 7.63
CA PRO B 53 -10.68 30.99 7.63
C PRO B 53 -10.88 31.98 6.47
N PRO B 54 -9.92 32.92 6.23
CA PRO B 54 -10.22 33.99 5.27
C PRO B 54 -9.94 33.60 3.81
N ALA B 55 -8.70 33.23 3.47
CA ALA B 55 -8.29 32.83 2.10
C ALA B 55 -9.08 31.63 1.51
N VAL B 56 -9.61 30.81 2.42
CA VAL B 56 -10.49 29.67 2.15
C VAL B 56 -11.89 30.14 1.76
N ARG B 57 -12.44 31.13 2.47
CA ARG B 57 -13.75 31.70 2.09
C ARG B 57 -13.70 32.37 0.69
N ALA B 58 -12.60 33.09 0.42
CA ALA B 58 -12.28 33.65 -0.91
C ALA B 58 -12.29 32.60 -2.01
N ALA B 59 -11.29 31.70 -1.98
CA ALA B 59 -11.21 30.62 -2.97
C ALA B 59 -12.48 29.74 -3.03
N LEU B 60 -13.08 29.43 -1.87
CA LEU B 60 -14.33 28.67 -1.85
C LEU B 60 -15.44 29.37 -2.62
N ALA B 61 -15.51 30.70 -2.51
CA ALA B 61 -16.57 31.49 -3.14
C ALA B 61 -16.74 31.20 -4.63
N ASP B 62 -15.64 31.03 -5.36
CA ASP B 62 -15.73 30.80 -6.80
C ASP B 62 -15.10 29.49 -7.33
N VAL B 63 -15.32 28.39 -6.60
CA VAL B 63 -15.15 27.05 -7.18
C VAL B 63 -16.51 26.70 -7.75
N PRO B 64 -16.53 26.03 -8.92
CA PRO B 64 -17.80 25.75 -9.54
C PRO B 64 -18.86 25.25 -8.54
N THR B 65 -20.11 25.51 -8.83
CA THR B 65 -21.10 25.25 -7.82
C THR B 65 -21.57 23.77 -7.80
N GLU B 66 -21.33 23.01 -8.88
CA GLU B 66 -21.68 21.56 -8.98
C GLU B 66 -20.66 20.75 -8.16
N VAL B 67 -19.46 21.30 -8.08
CA VAL B 67 -18.38 20.84 -7.22
C VAL B 67 -18.78 21.00 -5.73
N LYS B 68 -19.12 22.22 -5.30
CA LYS B 68 -19.43 22.42 -3.88
C LYS B 68 -20.58 21.53 -3.49
N GLU B 69 -21.69 21.64 -4.20
CA GLU B 69 -22.98 21.07 -3.75
C GLU B 69 -23.02 19.55 -3.66
N LYS B 70 -22.10 18.86 -4.35
CA LYS B 70 -22.03 17.38 -4.36
C LYS B 70 -20.89 16.78 -3.47
N PHE B 71 -20.73 17.29 -2.25
CA PHE B 71 -19.54 17.03 -1.46
C PHE B 71 -19.89 17.14 0.03
N TRP B 72 -20.04 16.02 0.75
CA TRP B 72 -20.23 16.11 2.21
C TRP B 72 -18.88 16.04 2.92
N GLY B 73 -18.56 17.13 3.63
CA GLY B 73 -17.34 17.21 4.41
C GLY B 73 -17.58 17.90 5.72
N CYS B 74 -16.89 17.43 6.76
CA CYS B 74 -16.99 17.95 8.13
C CYS B 74 -15.77 18.80 8.59
N GLY B 75 -15.32 19.74 7.77
CA GLY B 75 -14.27 20.66 8.23
C GLY B 75 -13.79 21.39 7.00
N ASN B 76 -12.78 22.25 7.15
CA ASN B 76 -12.14 22.81 5.95
C ASN B 76 -10.63 22.71 5.95
N PRO B 77 -10.13 21.44 5.92
CA PRO B 77 -8.81 20.97 6.24
C PRO B 77 -7.75 21.38 5.24
N ILE B 78 -7.80 22.58 4.70
CA ILE B 78 -6.63 23.02 3.92
C ILE B 78 -5.69 23.88 4.78
N PRO B 79 -4.45 23.44 4.99
CA PRO B 79 -3.66 24.23 5.93
C PRO B 79 -3.00 25.42 5.22
N ALA B 80 -2.56 26.41 5.99
CA ALA B 80 -1.92 27.59 5.44
C ALA B 80 -0.49 27.28 5.16
N GLY B 81 0.11 28.03 4.26
CA GLY B 81 1.53 27.88 4.04
C GLY B 81 1.97 26.92 2.97
N ILE B 82 1.06 26.62 2.04
CA ILE B 82 1.33 25.54 1.04
C ILE B 82 1.78 25.95 -0.39
N GLU B 83 2.01 27.24 -0.57
CA GLU B 83 2.53 27.78 -1.82
C GLU B 83 3.61 26.87 -2.34
N GLY B 84 3.47 26.41 -3.58
CA GLY B 84 4.58 25.68 -4.24
C GLY B 84 4.60 24.18 -3.93
N LEU B 85 3.63 23.70 -3.15
CA LEU B 85 3.72 22.33 -2.63
C LEU B 85 2.85 21.33 -3.41
N ARG B 86 3.30 20.08 -3.44
CA ARG B 86 2.52 18.92 -3.91
C ARG B 86 1.54 18.40 -2.86
N VAL B 87 0.24 18.53 -3.14
CA VAL B 87 -0.79 18.13 -2.23
C VAL B 87 -1.57 16.89 -2.72
N LEU B 88 -1.83 15.93 -1.82
CA LEU B 88 -2.68 14.77 -2.10
C LEU B 88 -3.95 14.87 -1.28
N ASP B 89 -5.08 14.59 -1.90
CA ASP B 89 -6.32 14.75 -1.25
C ASP B 89 -7.08 13.45 -1.31
N LEU B 90 -7.29 12.82 -0.16
CA LEU B 90 -7.86 11.50 -0.11
C LEU B 90 -9.34 11.58 -0.10
N GLY B 91 -10.02 10.76 -0.92
CA GLY B 91 -11.48 10.79 -1.01
C GLY B 91 -11.99 12.16 -1.49
N ALA B 92 -11.41 12.67 -2.57
CA ALA B 92 -11.73 14.03 -3.11
C ALA B 92 -13.20 14.24 -3.58
N GLY B 93 -13.98 13.18 -3.76
CA GLY B 93 -15.38 13.35 -4.25
C GLY B 93 -15.45 14.29 -5.47
N SER B 94 -16.36 15.26 -5.37
CA SER B 94 -16.66 16.18 -6.48
C SER B 94 -15.57 17.21 -6.64
N GLY B 95 -14.71 17.35 -5.62
CA GLY B 95 -13.43 18.04 -5.86
C GLY B 95 -13.25 19.28 -5.04
N ARG B 96 -14.19 19.53 -4.13
CA ARG B 96 -14.24 20.85 -3.50
C ARG B 96 -12.90 21.15 -2.81
N ASP B 97 -12.47 20.23 -1.94
CA ASP B 97 -11.25 20.47 -1.18
C ASP B 97 -10.04 20.58 -2.09
N ALA B 98 -9.99 19.75 -3.12
CA ALA B 98 -8.91 19.83 -4.08
C ALA B 98 -8.87 21.18 -4.84
N TYR B 99 -10.04 21.72 -5.21
CA TYR B 99 -10.10 23.00 -5.96
C TYR B 99 -9.64 24.14 -5.08
N VAL B 100 -10.00 24.11 -3.80
CA VAL B 100 -9.44 25.12 -2.88
C VAL B 100 -7.91 25.11 -2.80
N ALA B 101 -7.33 23.91 -2.71
CA ALA B 101 -5.88 23.75 -2.58
C ALA B 101 -5.16 24.16 -3.85
N ALA B 102 -5.80 23.80 -4.96
CA ALA B 102 -5.38 24.19 -6.29
C ALA B 102 -5.07 25.72 -6.30
N LYS B 103 -5.95 26.53 -5.73
CA LYS B 103 -5.64 27.96 -5.54
C LYS B 103 -4.45 28.11 -4.54
N LEU B 104 -4.67 27.65 -3.30
CA LEU B 104 -3.73 27.96 -2.22
C LEU B 104 -2.30 27.57 -2.49
N VAL B 105 -2.09 26.60 -3.38
CA VAL B 105 -0.76 26.12 -3.67
C VAL B 105 -0.11 26.96 -4.76
N GLY B 106 -0.94 27.76 -5.46
CA GLY B 106 -0.50 28.52 -6.66
C GLY B 106 -0.05 27.69 -7.88
N GLU B 107 0.12 28.39 -8.99
CA GLU B 107 0.46 27.76 -10.24
C GLU B 107 1.63 26.81 -10.13
N LYS B 108 2.60 27.13 -9.30
CA LYS B 108 3.78 26.28 -9.25
C LYS B 108 3.62 25.02 -8.36
N GLY B 109 2.50 24.90 -7.61
CA GLY B 109 2.17 23.65 -6.88
C GLY B 109 1.11 22.76 -7.55
N SER B 110 1.01 21.51 -7.12
CA SER B 110 0.04 20.54 -7.71
C SER B 110 -0.76 19.81 -6.67
N VAL B 111 -1.95 19.40 -7.09
CA VAL B 111 -2.82 18.61 -6.34
C VAL B 111 -3.23 17.34 -7.09
N THR B 112 -3.32 16.22 -6.37
CA THR B 112 -3.84 15.00 -6.86
C THR B 112 -4.96 14.63 -5.92
N GLY B 113 -6.17 14.35 -6.43
CA GLY B 113 -7.29 13.76 -5.66
C GLY B 113 -7.48 12.27 -6.05
N VAL B 114 -7.73 11.41 -5.04
CA VAL B 114 -8.01 10.07 -5.26
C VAL B 114 -9.44 9.89 -4.82
N ASP B 115 -10.25 9.21 -5.65
CA ASP B 115 -11.57 8.79 -5.20
C ASP B 115 -12.08 7.44 -5.70
N MET B 116 -12.91 6.85 -4.87
CA MET B 116 -13.41 5.49 -5.01
C MET B 116 -14.48 5.44 -6.10
N THR B 117 -15.22 6.53 -6.27
CA THR B 117 -16.39 6.61 -7.19
C THR B 117 -16.11 7.35 -8.48
N PRO B 118 -16.19 6.67 -9.64
CA PRO B 118 -15.97 7.31 -10.95
C PRO B 118 -17.00 8.40 -11.31
N ALA B 119 -18.24 8.24 -10.85
CA ALA B 119 -19.28 9.22 -11.10
C ALA B 119 -18.92 10.55 -10.43
N GLN B 120 -18.41 10.47 -9.20
CA GLN B 120 -17.96 11.63 -8.41
C GLN B 120 -16.74 12.31 -9.04
N LEU B 121 -15.83 11.50 -9.51
CA LEU B 121 -14.65 11.97 -10.14
C LEU B 121 -14.90 12.70 -11.43
N GLU B 122 -15.85 12.21 -12.22
CA GLU B 122 -16.21 12.89 -13.46
C GLU B 122 -16.62 14.35 -13.17
N VAL B 123 -17.55 14.56 -12.23
CA VAL B 123 -17.87 15.94 -11.80
C VAL B 123 -16.62 16.80 -11.65
N ALA B 124 -15.60 16.24 -11.01
CA ALA B 124 -14.36 16.94 -10.71
C ALA B 124 -13.45 17.12 -11.93
N ILE B 125 -13.31 16.09 -12.75
CA ILE B 125 -12.46 16.18 -13.93
C ILE B 125 -13.02 17.20 -14.93
N SER B 126 -14.35 17.23 -15.10
CA SER B 126 -14.95 18.08 -16.14
C SER B 126 -14.74 19.57 -15.89
N HIS B 127 -14.86 19.99 -14.63
CA HIS B 127 -14.71 21.43 -14.31
C HIS B 127 -13.27 21.92 -14.10
N ALA B 128 -12.30 21.01 -13.89
CA ALA B 128 -10.93 21.44 -13.60
C ALA B 128 -10.43 22.53 -14.56
N ASP B 129 -10.85 22.48 -15.82
CA ASP B 129 -10.23 23.38 -16.77
C ASP B 129 -10.85 24.78 -16.79
N ALA B 130 -12.16 24.88 -16.99
CA ALA B 130 -12.85 26.19 -16.87
C ALA B 130 -12.32 26.88 -15.59
N TYR B 131 -12.55 26.23 -14.44
CA TYR B 131 -12.02 26.69 -13.15
C TYR B 131 -10.55 27.19 -13.18
N ALA B 132 -9.61 26.38 -13.66
CA ALA B 132 -8.20 26.83 -13.61
C ALA B 132 -7.91 28.17 -14.32
N ARG B 133 -8.19 28.26 -15.63
CA ARG B 133 -7.88 29.49 -16.39
C ARG B 133 -8.87 30.63 -16.11
N ASP B 134 -10.17 30.37 -16.18
CA ASP B 134 -11.16 31.44 -15.97
C ASP B 134 -11.07 31.99 -14.55
N LYS B 135 -11.03 31.08 -13.57
CA LYS B 135 -11.13 31.47 -12.16
C LYS B 135 -9.80 31.76 -11.47
N LEU B 136 -8.71 31.14 -11.94
CA LEU B 136 -7.46 31.21 -11.18
C LEU B 136 -6.35 31.92 -11.89
N GLY B 137 -6.29 31.83 -13.22
CA GLY B 137 -5.32 32.62 -13.98
C GLY B 137 -4.25 31.75 -14.56
N TYR B 138 -4.45 30.43 -14.42
CA TYR B 138 -3.35 29.56 -14.72
C TYR B 138 -3.32 29.26 -16.20
N GLY B 139 -2.15 28.93 -16.75
CA GLY B 139 -2.05 28.31 -18.09
C GLY B 139 -2.96 27.09 -18.15
N LYS B 140 -2.47 25.96 -17.64
CA LYS B 140 -3.27 24.74 -17.54
C LYS B 140 -3.79 24.53 -16.11
N SER B 141 -4.46 23.39 -15.87
CA SER B 141 -4.85 22.90 -14.53
C SER B 141 -3.62 22.31 -13.84
N ASN B 142 -3.47 22.63 -12.57
CA ASN B 142 -2.40 22.01 -11.81
C ASN B 142 -2.99 20.80 -11.01
N MET B 143 -4.32 20.56 -11.11
CA MET B 143 -4.95 19.36 -10.59
C MET B 143 -4.76 18.04 -11.40
N THR B 144 -4.95 16.89 -10.75
CA THR B 144 -5.04 15.60 -11.39
C THR B 144 -5.97 14.77 -10.50
N PHE B 145 -6.94 14.08 -11.09
CA PHE B 145 -7.83 13.17 -10.37
C PHE B 145 -7.75 11.73 -10.82
N ILE B 146 -7.57 10.79 -9.91
CA ILE B 146 -7.42 9.41 -10.30
C ILE B 146 -8.34 8.53 -9.42
N GLN B 147 -8.74 7.38 -9.93
CA GLN B 147 -9.64 6.59 -9.17
C GLN B 147 -8.80 5.58 -8.42
N GLY B 148 -9.20 5.30 -7.19
CA GLY B 148 -8.54 4.23 -6.44
C GLY B 148 -9.11 4.18 -5.06
N GLU B 149 -8.54 3.25 -4.29
CA GLU B 149 -8.98 2.99 -2.95
C GLU B 149 -7.90 3.67 -2.09
N ILE B 150 -8.32 4.46 -1.11
CA ILE B 150 -7.34 5.19 -0.31
C ILE B 150 -6.55 4.25 0.59
N GLU B 151 -7.01 3.03 0.80
CA GLU B 151 -6.21 2.08 1.49
C GLU B 151 -5.04 1.61 0.58
N TYR B 152 -5.15 1.88 -0.73
CA TYR B 152 -4.24 1.23 -1.70
C TYR B 152 -3.57 2.23 -2.67
N LEU B 153 -2.77 3.11 -2.06
CA LEU B 153 -2.36 4.28 -2.82
C LEU B 153 -1.30 3.79 -3.76
N ASP B 154 -0.56 2.76 -3.33
CA ASP B 154 0.39 2.04 -4.20
C ASP B 154 -0.31 1.55 -5.47
N ARG B 155 -1.45 0.86 -5.32
CA ARG B 155 -2.13 0.33 -6.51
C ARG B 155 -2.54 1.47 -7.45
N ALA B 156 -2.71 2.65 -6.88
CA ALA B 156 -3.10 3.82 -7.65
C ALA B 156 -1.88 4.47 -8.31
N GLY B 157 -0.67 3.97 -8.04
CA GLY B 157 0.51 4.53 -8.67
C GLY B 157 1.33 5.56 -7.87
N LEU B 158 0.91 5.91 -6.66
CA LEU B 158 1.57 6.96 -5.89
C LEU B 158 2.83 6.48 -5.24
N GLU B 159 3.88 7.28 -5.46
CA GLU B 159 5.24 6.92 -5.10
C GLU B 159 5.58 7.30 -3.68
N ASP B 160 6.60 6.63 -3.16
CA ASP B 160 7.20 7.03 -1.88
C ASP B 160 7.58 8.52 -1.95
N SER B 161 7.34 9.26 -0.86
CA SER B 161 7.85 10.64 -0.73
C SER B 161 7.60 11.51 -1.93
N SER B 162 6.38 11.54 -2.42
CA SER B 162 6.13 12.34 -3.59
C SER B 162 5.11 13.47 -3.30
N PHE B 163 4.66 13.55 -2.06
CA PHE B 163 3.75 14.59 -1.64
C PHE B 163 4.26 15.29 -0.40
N ASP B 164 4.08 16.62 -0.35
CA ASP B 164 4.39 17.39 0.86
C ASP B 164 3.24 17.38 1.84
N LEU B 165 2.05 17.23 1.32
CA LEU B 165 0.90 17.20 2.16
C LEU B 165 -0.14 16.15 1.75
N VAL B 166 -0.81 15.60 2.76
CA VAL B 166 -1.94 14.76 2.53
C VAL B 166 -3.09 15.31 3.34
N ILE B 167 -4.21 15.49 2.67
CA ILE B 167 -5.37 16.02 3.31
C ILE B 167 -6.55 15.14 3.10
N SER B 168 -7.58 15.37 3.89
CA SER B 168 -8.69 14.45 3.84
C SER B 168 -9.81 15.02 4.73
N ASN B 169 -11.04 14.49 4.61
CA ASN B 169 -12.13 15.17 5.20
C ASN B 169 -13.30 14.28 5.45
N CYS B 170 -13.37 13.74 6.68
CA CYS B 170 -14.43 12.87 7.11
C CYS B 170 -14.58 11.65 6.26
N VAL B 171 -13.48 11.09 5.81
CA VAL B 171 -13.63 9.95 4.92
C VAL B 171 -13.02 8.68 5.53
N ILE B 172 -12.01 8.85 6.34
CA ILE B 172 -11.29 7.75 6.94
C ILE B 172 -12.13 6.84 7.83
N ASN B 173 -13.20 7.37 8.40
CA ASN B 173 -14.00 6.56 9.30
C ASN B 173 -14.73 5.49 8.59
N LEU B 174 -14.98 5.74 7.32
CA LEU B 174 -15.61 4.79 6.45
C LEU B 174 -14.63 3.72 5.93
N SER B 175 -13.31 3.92 6.10
CA SER B 175 -12.36 2.95 5.56
C SER B 175 -12.50 1.59 6.22
N PRO B 176 -12.46 0.53 5.43
CA PRO B 176 -12.31 -0.79 6.05
C PRO B 176 -10.88 -1.14 6.57
N ASP B 177 -9.93 -0.19 6.53
CA ASP B 177 -8.55 -0.53 6.96
C ASP B 177 -7.81 0.78 7.21
N LYS B 178 -8.24 1.43 8.29
CA LYS B 178 -7.67 2.72 8.76
C LYS B 178 -6.17 2.67 8.80
N ALA B 179 -5.64 1.57 9.30
CA ALA B 179 -4.21 1.42 9.46
C ALA B 179 -3.47 1.60 8.13
N ARG B 180 -4.01 1.02 7.07
CA ARG B 180 -3.32 0.99 5.79
C ARG B 180 -3.53 2.37 5.14
N VAL B 181 -4.68 3.01 5.35
CA VAL B 181 -4.84 4.41 4.92
C VAL B 181 -3.70 5.24 5.52
N LEU B 182 -3.46 5.08 6.81
CA LEU B 182 -2.46 5.88 7.52
C LEU B 182 -1.04 5.51 7.18
N SER B 183 -0.78 4.23 7.01
CA SER B 183 0.61 3.88 6.61
C SER B 183 0.90 4.29 5.14
N GLU B 184 -0.12 4.28 4.29
CA GLU B 184 0.05 4.78 2.91
C GLU B 184 0.33 6.30 2.86
N ALA B 185 -0.34 7.07 3.71
CA ALA B 185 -0.09 8.51 3.78
C ALA B 185 1.30 8.73 4.28
N TYR B 186 1.72 7.96 5.28
CA TYR B 186 3.10 8.11 5.77
C TYR B 186 4.10 7.77 4.69
N ARG B 187 3.76 6.79 3.85
CA ARG B 187 4.69 6.30 2.79
C ARG B 187 4.79 7.41 1.71
N VAL B 188 3.65 8.01 1.33
CA VAL B 188 3.73 8.87 0.18
C VAL B 188 4.24 10.27 0.52
N LEU B 189 4.14 10.66 1.81
CA LEU B 189 4.68 11.94 2.32
C LEU B 189 6.17 12.04 2.13
N ALA B 190 6.65 13.16 1.63
CA ALA B 190 8.14 13.36 1.78
C ALA B 190 8.53 13.67 3.24
N PRO B 191 9.81 13.47 3.62
CA PRO B 191 10.29 14.09 4.88
C PRO B 191 9.96 15.55 4.97
N GLY B 192 9.32 15.94 6.07
CA GLY B 192 9.02 17.35 6.27
C GLY B 192 7.56 17.60 6.01
N GLY B 193 6.81 16.55 5.62
CA GLY B 193 5.44 16.76 5.19
C GLY B 193 4.47 16.50 6.30
N GLU B 194 3.18 16.62 5.99
CA GLU B 194 2.22 16.50 7.04
C GLU B 194 0.93 15.90 6.39
N MET B 195 0.28 15.03 7.13
CA MET B 195 -1.06 14.69 6.92
C MET B 195 -1.95 15.57 7.87
N HIS B 196 -2.83 16.34 7.23
CA HIS B 196 -3.64 17.37 7.83
C HIS B 196 -5.02 17.05 7.41
N PHE B 197 -5.87 16.64 8.35
CA PHE B 197 -7.17 16.19 7.94
C PHE B 197 -8.16 16.33 9.02
N SER B 198 -9.42 16.13 8.68
CA SER B 198 -10.40 16.36 9.68
C SER B 198 -11.31 15.20 9.67
N ASP B 199 -11.89 14.87 10.83
CA ASP B 199 -12.75 13.65 10.93
C ASP B 199 -13.48 13.64 12.28
N VAL B 200 -14.27 12.61 12.47
CA VAL B 200 -15.03 12.46 13.69
C VAL B 200 -14.47 11.35 14.62
N TYR B 201 -14.17 11.77 15.83
CA TYR B 201 -13.77 10.92 16.90
C TYR B 201 -14.80 10.97 18.07
N VAL B 202 -14.66 10.04 19.01
CA VAL B 202 -15.48 9.90 20.23
C VAL B 202 -14.57 10.07 21.48
N ASP B 203 -15.15 10.40 22.62
CA ASP B 203 -14.34 10.60 23.83
C ASP B 203 -14.22 9.28 24.59
N ARG B 204 -14.75 8.20 24.00
CA ARG B 204 -14.67 6.90 24.61
C ARG B 204 -14.91 5.88 23.52
N ARG B 205 -14.71 4.60 23.82
CA ARG B 205 -14.98 3.55 22.85
C ARG B 205 -16.46 3.28 22.74
N LEU B 206 -16.97 3.41 21.53
CA LEU B 206 -18.34 2.97 21.28
C LEU B 206 -18.55 1.48 21.55
N PRO B 207 -19.58 1.14 22.36
CA PRO B 207 -20.04 -0.22 22.68
C PRO B 207 -20.22 -1.02 21.42
N GLN B 208 -20.01 -2.34 21.53
CA GLN B 208 -20.27 -3.27 20.42
C GLN B 208 -21.67 -3.04 19.81
N SER B 209 -22.70 -3.13 20.66
CA SER B 209 -24.07 -2.70 20.35
C SER B 209 -24.16 -1.72 19.16
N VAL B 210 -23.46 -0.59 19.29
CA VAL B 210 -23.45 0.49 18.28
C VAL B 210 -22.75 0.16 16.97
N ARG B 211 -21.57 -0.45 17.03
CA ARG B 211 -20.88 -0.84 15.81
C ARG B 211 -21.61 -1.97 15.06
N SER B 212 -21.94 -3.05 15.78
CA SER B 212 -22.51 -4.29 15.21
C SER B 212 -23.72 -4.01 14.33
N HIS B 213 -24.71 -3.35 14.93
CA HIS B 213 -25.91 -2.90 14.25
C HIS B 213 -25.73 -1.39 14.09
N PRO B 214 -25.12 -0.95 12.96
CA PRO B 214 -24.57 0.42 12.88
C PRO B 214 -25.63 1.54 12.98
N VAL B 215 -26.70 1.23 13.73
CA VAL B 215 -27.87 2.11 13.98
C VAL B 215 -28.46 2.72 12.70
N LEU B 216 -27.67 2.70 11.63
CA LEU B 216 -27.99 3.34 10.35
C LEU B 216 -28.28 4.86 10.52
N LEU B 217 -28.12 5.34 11.76
CA LEU B 217 -28.18 6.78 12.10
C LEU B 217 -26.79 7.27 12.53
N GLY B 218 -26.35 8.40 11.97
CA GLY B 218 -24.98 8.89 12.12
C GLY B 218 -24.09 8.36 11.00
N GLU B 219 -23.58 7.14 11.20
CA GLU B 219 -22.76 6.32 10.23
C GLU B 219 -21.28 6.69 9.91
N CYS B 220 -21.03 7.92 9.45
CA CYS B 220 -19.68 8.48 9.53
C CYS B 220 -19.33 8.55 11.02
N LEU B 221 -20.34 8.30 11.84
CA LEU B 221 -20.24 8.34 13.29
C LEU B 221 -20.15 6.93 13.92
N ALA B 222 -20.77 5.94 13.27
CA ALA B 222 -20.67 4.53 13.69
C ALA B 222 -19.23 3.98 13.65
N GLY B 223 -18.45 4.44 12.68
CA GLY B 223 -17.09 3.91 12.51
C GLY B 223 -16.06 4.76 13.24
N ALA B 224 -16.53 5.82 13.94
CA ALA B 224 -15.64 6.67 14.65
C ALA B 224 -15.00 5.93 15.81
N LEU B 225 -13.79 6.43 16.08
CA LEU B 225 -12.83 5.89 16.95
C LEU B 225 -12.75 6.82 18.20
N TYR B 226 -12.59 6.21 19.37
CA TYR B 226 -12.00 6.85 20.51
C TYR B 226 -10.69 7.57 20.14
N ASN B 227 -10.77 8.88 20.05
CA ASN B 227 -9.70 9.80 20.26
C ASN B 227 -8.30 9.12 20.40
N ASN B 228 -8.09 8.49 21.56
CA ASN B 228 -6.77 8.01 21.95
C ASN B 228 -6.44 6.67 21.19
N ASP B 229 -7.43 5.85 20.86
CA ASP B 229 -7.21 4.73 19.98
C ASP B 229 -6.68 5.20 18.63
N PHE B 230 -7.21 6.30 18.09
CA PHE B 230 -6.71 6.83 16.85
C PHE B 230 -5.24 7.28 17.02
N ILE B 231 -4.97 8.02 18.08
CA ILE B 231 -3.58 8.37 18.34
C ILE B 231 -2.63 7.14 18.30
N ARG B 232 -3.07 6.04 18.93
CA ARG B 232 -2.22 4.87 19.08
C ARG B 232 -1.91 4.32 17.73
N LEU B 233 -2.94 4.25 16.89
CA LEU B 233 -2.83 3.71 15.57
C LEU B 233 -1.95 4.60 14.69
N ALA B 234 -2.07 5.93 14.84
CA ALA B 234 -1.27 6.81 14.04
C ALA B 234 0.13 6.60 14.52
N ARG B 235 0.32 6.37 15.83
CA ARG B 235 1.70 6.12 16.29
C ARG B 235 2.27 4.83 15.71
N LYS B 236 1.49 3.76 15.61
CA LYS B 236 2.06 2.52 15.13
C LYS B 236 2.64 2.63 13.70
N VAL B 237 2.10 3.49 12.81
CA VAL B 237 2.61 3.69 11.46
C VAL B 237 3.66 4.75 11.38
N GLY B 238 4.01 5.32 12.49
CA GLY B 238 5.16 6.25 12.43
C GLY B 238 4.86 7.73 12.71
N PHE B 239 3.59 8.14 12.78
CA PHE B 239 3.29 9.56 13.20
C PHE B 239 3.32 9.58 14.74
N THR B 240 4.52 9.73 15.28
CA THR B 240 4.75 9.59 16.70
C THR B 240 4.03 10.62 17.60
N ASP B 241 3.68 11.82 17.09
CA ASP B 241 3.04 12.82 18.01
C ASP B 241 2.01 13.67 17.29
N PRO B 242 0.84 13.09 17.01
CA PRO B 242 -0.34 13.76 16.47
C PRO B 242 -0.67 14.95 17.36
N ARG B 243 -0.76 16.12 16.74
CA ARG B 243 -1.09 17.44 17.35
C ARG B 243 -2.48 17.72 16.81
N GLN B 244 -3.37 18.12 17.69
CA GLN B 244 -4.73 18.43 17.26
C GLN B 244 -4.86 19.96 17.06
N LEU B 245 -5.38 20.40 15.90
CA LEU B 245 -5.32 21.89 15.57
C LEU B 245 -6.47 22.61 16.19
N GLU B 246 -7.60 21.91 16.33
CA GLU B 246 -8.86 22.51 16.75
C GLU B 246 -9.86 21.37 16.77
N ALA B 247 -10.76 21.43 17.73
CA ALA B 247 -11.77 20.39 17.92
C ALA B 247 -13.08 21.03 18.27
N GLU B 248 -14.17 20.38 17.88
CA GLU B 248 -15.47 20.93 18.14
C GLU B 248 -16.40 19.82 18.53
N GLU B 249 -17.06 19.94 19.70
CA GLU B 249 -18.16 19.01 20.00
C GLU B 249 -19.25 18.99 18.93
N ILE B 250 -19.86 17.82 18.72
CA ILE B 250 -20.95 17.68 17.78
C ILE B 250 -22.19 17.32 18.58
N GLN B 251 -23.15 18.25 18.66
CA GLN B 251 -24.44 18.01 19.37
C GLN B 251 -25.14 16.77 18.88
N ILE B 252 -25.54 15.90 19.80
CA ILE B 252 -26.29 14.72 19.41
C ILE B 252 -27.43 15.18 18.49
N HIS B 253 -27.36 14.78 17.21
CA HIS B 253 -28.26 15.26 16.14
C HIS B 253 -29.71 15.55 16.66
N ASP B 254 -30.22 14.63 17.49
CA ASP B 254 -31.58 14.69 18.02
C ASP B 254 -31.65 14.18 19.48
N ALA B 255 -32.83 13.68 19.87
CA ALA B 255 -32.97 12.79 21.01
C ALA B 255 -33.17 11.34 20.46
N GLU B 256 -33.63 10.41 21.29
CA GLU B 256 -33.72 8.97 20.93
C GLU B 256 -32.34 8.43 20.60
N LEU B 257 -31.70 8.97 19.56
CA LEU B 257 -30.25 8.83 19.39
C LEU B 257 -29.62 9.55 20.58
N ARG B 258 -28.49 8.99 21.05
CA ARG B 258 -28.22 8.82 22.48
C ARG B 258 -29.00 7.54 22.77
N ASP B 259 -29.18 6.74 21.73
CA ASP B 259 -29.85 5.46 21.82
C ASP B 259 -28.97 4.57 22.67
N GLN B 260 -28.04 3.89 22.01
CA GLN B 260 -27.05 3.06 22.67
C GLN B 260 -25.76 3.88 22.84
N VAL B 261 -25.79 5.12 22.34
CA VAL B 261 -24.62 6.01 22.39
C VAL B 261 -24.22 6.39 23.83
N GLY B 262 -25.18 6.29 24.75
CA GLY B 262 -24.94 6.59 26.16
C GLY B 262 -24.46 8.01 26.31
N GLU B 263 -23.36 8.17 27.06
CA GLU B 263 -22.77 9.49 27.35
C GLU B 263 -21.58 9.83 26.42
N ALA B 264 -21.39 9.02 25.38
CA ALA B 264 -20.34 9.24 24.38
C ALA B 264 -20.45 10.64 23.86
N ARG B 265 -19.39 11.41 23.91
CA ARG B 265 -19.43 12.70 23.30
C ARG B 265 -18.64 12.62 21.94
N PHE B 266 -19.10 13.35 20.94
CA PHE B 266 -18.56 13.25 19.58
C PHE B 266 -17.93 14.56 19.21
N TYR B 267 -16.90 14.46 18.36
CA TYR B 267 -16.03 15.58 18.14
C TYR B 267 -15.48 15.54 16.75
N SER B 268 -15.24 16.75 16.25
CA SER B 268 -14.76 16.96 14.97
C SER B 268 -13.40 17.50 15.30
N ILE B 269 -12.34 16.79 14.86
CA ILE B 269 -10.97 17.19 15.13
C ILE B 269 -10.20 17.29 13.84
N THR B 270 -9.38 18.32 13.71
CA THR B 270 -8.38 18.42 12.71
C THR B 270 -6.99 18.07 13.28
N TYR B 271 -6.43 16.94 12.83
CA TYR B 271 -5.16 16.46 13.32
C TYR B 271 -4.04 16.85 12.42
N ARG B 272 -2.89 17.07 13.03
CA ARG B 272 -1.68 17.35 12.31
C ARG B 272 -0.73 16.21 12.63
N LEU B 273 -0.35 15.51 11.57
CA LEU B 273 0.46 14.32 11.65
C LEU B 273 1.68 14.67 10.81
N PHE B 274 2.78 15.10 11.46
CA PHE B 274 4.01 15.37 10.80
C PHE B 274 4.94 14.23 10.66
N LYS B 275 5.65 14.25 9.53
CA LYS B 275 6.61 13.24 9.27
C LYS B 275 7.91 13.93 9.23
N VAL B 276 8.69 13.71 10.28
CA VAL B 276 10.08 14.15 10.28
C VAL B 276 10.95 13.04 10.80
N PRO B 277 11.47 12.21 9.88
CA PRO B 277 12.09 10.92 10.25
C PRO B 277 13.23 11.01 11.22
N GLY B 278 13.23 10.17 12.25
CA GLY B 278 14.32 10.16 13.22
C GLY B 278 14.12 11.26 14.29
N GLN B 279 13.15 12.17 14.13
CA GLN B 279 13.02 13.33 15.03
C GLN B 279 11.88 13.38 16.01
N ILE B 280 10.72 12.81 15.65
CA ILE B 280 9.53 12.96 16.47
C ILE B 280 9.48 11.83 17.57
N GLU B 281 9.22 12.19 18.83
CA GLU B 281 9.36 11.33 20.01
C GLU B 281 8.03 11.25 20.70
N ASP B 282 7.79 10.27 21.56
CA ASP B 282 6.46 10.17 22.11
C ASP B 282 6.31 10.90 23.41
N LEU B 283 7.28 11.76 23.73
CA LEU B 283 7.17 12.69 24.88
C LEU B 283 7.71 14.00 24.42
N ALA B 284 7.27 15.07 25.04
CA ALA B 284 7.99 16.40 24.89
C ALA B 284 9.34 16.32 25.55
N GLU B 285 10.41 16.39 24.75
CA GLU B 285 11.78 16.28 25.24
C GLU B 285 12.50 17.62 25.08
N ASP B 286 13.24 17.93 26.14
CA ASP B 286 13.85 19.22 26.32
C ASP B 286 15.27 19.31 25.67
N TYR B 287 15.39 19.97 24.53
CA TYR B 287 16.72 20.23 24.04
C TYR B 287 17.11 21.71 24.19
N GLY B 288 16.32 22.45 24.99
CA GLY B 288 16.65 23.86 25.33
C GLY B 288 16.60 24.72 24.08
N GLN B 289 15.69 24.38 23.16
CA GLN B 289 15.67 25.04 21.90
C GLN B 289 14.72 26.23 21.96
N VAL B 290 14.95 27.15 21.01
CA VAL B 290 14.05 28.33 20.97
C VAL B 290 13.58 28.56 19.55
N ALA B 291 12.26 28.71 19.35
CA ALA B 291 11.75 28.96 17.95
C ALA B 291 11.11 30.35 17.74
N VAL B 292 11.37 30.93 16.58
CA VAL B 292 10.88 32.28 16.29
C VAL B 292 10.04 32.18 15.00
N TYR B 293 8.74 32.43 15.08
CA TYR B 293 7.94 32.78 13.88
C TYR B 293 8.30 34.09 13.07
N LYS B 294 8.88 33.97 11.87
CA LYS B 294 9.28 35.16 11.11
C LYS B 294 8.17 35.98 10.45
N GLY B 295 6.88 35.80 10.82
CA GLY B 295 5.78 36.41 10.04
C GLY B 295 5.45 36.15 8.52
N THR B 296 6.22 35.30 7.82
CA THR B 296 6.22 35.17 6.35
C THR B 296 5.00 34.40 5.77
N ILE B 297 4.02 34.03 6.59
CA ILE B 297 2.94 33.12 6.16
C ILE B 297 1.63 33.84 5.88
N PRO B 298 1.21 33.89 4.60
CA PRO B 298 0.02 34.59 4.11
C PRO B 298 -1.18 34.36 4.98
N GLY B 299 -1.96 35.42 5.25
CA GLY B 299 -3.14 35.37 6.17
C GLY B 299 -2.69 35.35 7.63
N HIS B 300 -1.36 35.53 7.81
CA HIS B 300 -0.61 35.28 9.10
C HIS B 300 0.75 36.06 9.39
N SER B 301 0.78 37.37 9.17
CA SER B 301 2.04 38.14 9.33
C SER B 301 2.32 38.67 10.77
N HIS B 302 1.40 38.34 11.69
CA HIS B 302 1.35 38.75 13.10
C HIS B 302 1.70 37.59 14.08
N ALA B 303 0.82 36.59 14.01
CA ALA B 303 0.80 35.33 14.74
C ALA B 303 0.63 34.10 13.77
N TYR B 304 1.13 32.93 14.18
CA TYR B 304 0.73 31.62 13.61
C TYR B 304 0.41 30.54 14.64
N ASP B 305 -0.71 29.84 14.44
CA ASP B 305 -1.09 28.65 15.26
C ASP B 305 -0.58 27.26 14.72
N LEU B 306 0.50 26.68 15.27
CA LEU B 306 0.85 25.28 15.01
C LEU B 306 -0.29 24.41 15.34
N ASP B 307 -0.75 24.50 16.57
CA ASP B 307 -1.78 23.60 16.98
C ASP B 307 -2.52 24.25 18.16
N ASP B 308 -3.44 23.55 18.79
CA ASP B 308 -4.21 24.21 19.83
C ASP B 308 -3.42 24.62 21.13
N HIS B 309 -2.11 24.32 21.23
CA HIS B 309 -1.30 24.56 22.46
C HIS B 309 -0.12 25.43 22.11
N HIS B 310 0.00 25.81 20.85
CA HIS B 310 1.22 26.53 20.45
C HIS B 310 0.89 27.70 19.47
N ARG B 311 0.98 28.97 19.92
CA ARG B 311 0.71 30.11 19.02
C ARG B 311 1.94 30.93 18.87
N PHE B 312 2.51 31.10 17.69
CA PHE B 312 3.74 31.87 17.61
C PHE B 312 3.46 33.34 17.26
N VAL B 313 4.08 34.31 17.97
CA VAL B 313 3.90 35.73 17.59
C VAL B 313 5.14 36.23 16.82
N THR B 314 4.93 36.91 15.71
CA THR B 314 6.08 37.29 14.87
C THR B 314 7.27 37.88 15.64
N ASN B 315 8.45 37.42 15.30
CA ASN B 315 9.65 37.66 16.06
C ASN B 315 9.61 37.55 17.60
N LYS B 316 8.50 37.08 18.21
CA LYS B 316 8.49 36.73 19.62
C LYS B 316 9.00 35.28 20.07
N PRO B 317 10.32 35.15 20.39
CA PRO B 317 10.91 33.84 20.78
C PRO B 317 10.04 33.00 21.71
N MET B 318 9.89 31.69 21.40
CA MET B 318 9.19 30.71 22.27
C MET B 318 10.09 29.48 22.58
N LEU B 319 10.10 29.11 23.86
CA LEU B 319 10.74 27.90 24.37
C LEU B 319 10.04 26.64 23.81
N VAL B 320 10.79 25.74 23.22
CA VAL B 320 10.08 24.56 22.65
C VAL B 320 10.69 23.23 23.00
N ALA B 321 9.84 22.20 23.09
CA ALA B 321 10.34 20.81 23.06
C ALA B 321 10.86 20.46 21.69
N GLY B 322 11.65 19.35 21.63
CA GLY B 322 12.28 18.82 20.40
C GLY B 322 11.23 18.67 19.31
N ASN B 323 10.07 18.18 19.65
CA ASN B 323 9.10 17.95 18.59
C ASN B 323 8.61 19.21 17.91
N THR B 324 8.14 20.19 18.71
CA THR B 324 7.61 21.43 18.17
C THR B 324 8.70 22.07 17.23
N ALA B 325 9.94 22.05 17.68
CA ALA B 325 10.93 22.66 16.91
C ALA B 325 11.12 21.95 15.59
N SER B 326 10.86 20.65 15.55
CA SER B 326 11.08 19.89 14.32
C SER B 326 9.86 20.23 13.49
N MET B 327 8.70 20.26 14.14
CA MET B 327 7.54 20.59 13.40
C MET B 327 7.48 21.96 12.73
N VAL B 328 8.13 23.01 13.32
CA VAL B 328 8.03 24.36 12.69
C VAL B 328 9.31 24.62 11.93
N GLY B 329 10.41 24.01 12.35
CA GLY B 329 11.67 24.21 11.70
C GLY B 329 12.27 23.15 10.80
N GLU B 330 11.68 21.94 10.70
CA GLU B 330 12.25 20.95 9.77
C GLU B 330 11.15 20.34 8.92
N SER B 331 9.99 20.96 8.96
CA SER B 331 8.96 20.62 8.06
C SER B 331 8.89 21.67 6.93
N TYR B 332 7.74 21.69 6.25
CA TYR B 332 7.53 22.54 5.09
C TYR B 332 7.28 23.99 5.54
N LEU B 333 7.04 24.14 6.84
CA LEU B 333 7.09 25.41 7.53
C LEU B 333 8.54 26.02 7.70
N ALA B 334 9.61 25.23 7.57
CA ALA B 334 10.98 25.72 7.88
C ALA B 334 11.50 27.16 7.41
N PRO B 335 11.05 27.59 6.21
CA PRO B 335 11.45 28.91 5.76
C PRO B 335 10.82 30.04 6.59
N HIS B 336 9.64 29.82 7.22
CA HIS B 336 8.95 30.83 8.04
C HIS B 336 9.26 30.90 9.56
N PHE B 337 10.36 30.29 10.02
CA PHE B 337 10.65 30.19 11.45
C PHE B 337 12.13 30.12 11.59
N THR B 338 12.62 30.55 12.74
CA THR B 338 14.05 30.31 13.05
C THR B 338 14.08 29.51 14.34
N ILE B 339 15.01 28.59 14.47
CA ILE B 339 15.09 27.80 15.67
C ILE B 339 16.47 28.09 16.15
N ILE B 340 16.59 28.45 17.41
CA ILE B 340 17.90 28.67 17.97
C ILE B 340 18.19 27.49 18.93
N GLY B 341 19.41 26.95 18.84
CA GLY B 341 19.82 25.74 19.53
C GLY B 341 19.61 24.47 18.70
N ASP B 342 20.16 23.37 19.15
CA ASP B 342 20.01 22.15 18.43
C ASP B 342 19.87 21.02 19.48
N ARG B 343 20.03 19.77 19.03
CA ARG B 343 19.77 18.62 19.86
C ARG B 343 21.02 17.96 20.36
N ALA B 344 22.10 18.68 20.42
CA ALA B 344 23.36 18.08 20.87
C ALA B 344 23.37 17.75 22.37
N VAL B 345 22.55 18.44 23.13
CA VAL B 345 22.46 18.15 24.55
C VAL B 345 20.99 17.97 24.92
N HIS B 346 20.74 16.87 25.61
CA HIS B 346 19.41 16.50 26.07
C HIS B 346 19.34 16.94 27.48
N TYR B 347 18.28 17.66 27.85
CA TYR B 347 18.19 18.12 29.24
C TYR B 347 17.12 17.40 30.04
N GLY B 348 16.37 16.49 29.43
CA GLY B 348 15.32 15.82 30.25
C GLY B 348 13.98 16.03 29.63
N GLN B 349 12.95 15.64 30.34
CA GLN B 349 11.64 15.78 29.80
C GLN B 349 11.25 17.27 29.84
N PHE B 350 10.55 17.79 28.81
CA PHE B 350 10.22 19.23 28.71
C PHE B 350 9.00 19.46 29.59
N ASP B 351 9.06 20.34 30.60
CA ASP B 351 8.16 20.19 31.85
C ASP B 351 8.06 18.78 32.51
#